data_6K03
#
_entry.id   6K03
#
_cell.length_a   63.839
_cell.length_b   63.839
_cell.length_c   70.032
_cell.angle_alpha   90.000
_cell.angle_beta   90.000
_cell.angle_gamma   120.000
#
_symmetry.space_group_name_H-M   'P 32 2 1'
#
_entity_poly.entity_id   1
_entity_poly.type   'polypeptide(L)'
_entity_poly.pdbx_seq_one_letter_code
;HMRKESYSVYIYRVLKQVHPDTGVSSKAMSIMNSFVNDVFERIAAEASRLAHYNKRSTISSREIQTAVRLILPGELAKHA
VSEGTKAVTKYTSSKAKTGGKAKSRSSRAGLQFPVGRLHRILRKGNYAQRVGAGAPVYLAAVLEYLAAEVLELAGNAARD
NKKTRIAPRHLQLAVRNDEELNKLLAGVTIAQGGVLPNIQAVLLPKK
;
_entity_poly.pdbx_strand_id   D
#
# COMPACT_ATOMS: atom_id res chain seq x y z
N ARG A 3 7.28 5.69 -15.96
CA ARG A 3 6.12 4.84 -16.20
C ARG A 3 5.41 4.50 -14.89
N LYS A 4 5.90 5.04 -13.78
CA LYS A 4 5.38 4.73 -12.46
C LYS A 4 4.96 6.02 -11.76
N GLU A 5 4.06 5.86 -10.78
CA GLU A 5 3.57 6.98 -9.99
C GLU A 5 4.55 7.32 -8.87
N SER A 6 4.35 8.48 -8.27
CA SER A 6 5.22 8.99 -7.20
C SER A 6 4.42 9.10 -5.92
N TYR A 7 4.75 8.27 -4.93
CA TYR A 7 4.13 8.30 -3.61
C TYR A 7 5.12 8.75 -2.54
N SER A 8 6.25 9.34 -2.94
CA SER A 8 7.31 9.67 -1.98
C SER A 8 6.82 10.62 -0.90
N VAL A 9 5.91 11.53 -1.23
CA VAL A 9 5.36 12.44 -0.22
C VAL A 9 4.62 11.65 0.84
N TYR A 10 3.73 10.75 0.41
CA TYR A 10 2.90 10.00 1.35
C TYR A 10 3.69 8.91 2.06
N ILE A 11 4.66 8.31 1.38
CA ILE A 11 5.56 7.37 2.06
C ILE A 11 6.33 8.08 3.17
N TYR A 12 6.71 9.35 2.94
CA TYR A 12 7.40 10.10 3.96
C TYR A 12 6.45 10.52 5.08
N ARG A 13 5.23 10.91 4.73
CA ARG A 13 4.25 11.29 5.75
C ARG A 13 3.92 10.12 6.66
N VAL A 14 3.99 8.90 6.13
CA VAL A 14 3.70 7.73 6.95
C VAL A 14 4.79 7.50 7.97
N LEU A 15 6.05 7.72 7.59
CA LEU A 15 7.17 7.40 8.48
C LEU A 15 7.19 8.33 9.69
N LYS A 16 6.90 9.62 9.50
CA LYS A 16 6.87 10.54 10.63
C LYS A 16 5.80 10.16 11.65
N GLN A 17 4.84 9.32 11.26
CA GLN A 17 3.91 8.72 12.21
C GLN A 17 4.46 7.42 12.80
N VAL A 18 5.34 6.74 12.08
CA VAL A 18 5.91 5.47 12.54
C VAL A 18 7.24 5.68 13.25
N HIS A 19 8.11 6.52 12.69
CA HIS A 19 9.39 6.84 13.31
C HIS A 19 9.63 8.33 13.09
N PRO A 20 9.17 9.18 14.02
CA PRO A 20 9.26 10.63 13.79
C PRO A 20 10.69 11.15 13.66
N ASP A 21 11.61 10.69 14.51
CA ASP A 21 12.99 11.16 14.51
C ASP A 21 13.87 10.39 13.54
N THR A 22 13.29 9.74 12.53
CA THR A 22 14.03 8.95 11.57
C THR A 22 13.82 9.49 10.17
N GLY A 23 14.91 9.54 9.39
CA GLY A 23 14.84 9.88 7.99
C GLY A 23 14.91 8.65 7.11
N VAL A 24 15.02 8.90 5.80
CA VAL A 24 15.11 7.83 4.81
C VAL A 24 15.97 8.31 3.66
N SER A 25 16.86 7.44 3.20
CA SER A 25 17.68 7.74 2.03
C SER A 25 16.83 7.77 0.77
N SER A 26 17.35 8.45 -0.25
CA SER A 26 16.63 8.53 -1.52
C SER A 26 16.69 7.20 -2.28
N LYS A 27 17.77 6.44 -2.11
CA LYS A 27 17.81 5.10 -2.67
C LYS A 27 16.75 4.21 -2.02
N ALA A 28 16.56 4.35 -0.72
CA ALA A 28 15.50 3.63 -0.03
C ALA A 28 14.12 4.21 -0.33
N MET A 29 14.06 5.47 -0.74
CA MET A 29 12.76 6.07 -1.05
C MET A 29 12.21 5.56 -2.38
N SER A 30 13.07 5.40 -3.38
CA SER A 30 12.61 4.89 -4.68
C SER A 30 12.29 3.40 -4.61
N ILE A 31 12.96 2.67 -3.71
CA ILE A 31 12.62 1.26 -3.52
C ILE A 31 11.23 1.12 -2.92
N MET A 32 10.92 1.95 -1.91
CA MET A 32 9.58 1.98 -1.36
C MET A 32 8.57 2.41 -2.41
N ASN A 33 8.91 3.43 -3.21
CA ASN A 33 7.99 3.92 -4.23
C ASN A 33 7.68 2.85 -5.27
N SER A 34 8.71 2.13 -5.71
CA SER A 34 8.48 1.04 -6.67
C SER A 34 7.72 -0.11 -6.01
N PHE A 35 7.98 -0.37 -4.73
CA PHE A 35 7.24 -1.40 -4.02
C PHE A 35 5.76 -1.05 -3.94
N VAL A 36 5.44 0.20 -3.63
CA VAL A 36 4.04 0.64 -3.59
C VAL A 36 3.42 0.55 -4.98
N ASN A 37 4.21 0.77 -6.03
CA ASN A 37 3.69 0.68 -7.39
C ASN A 37 3.41 -0.77 -7.77
N ASP A 38 4.33 -1.68 -7.45
CA ASP A 38 4.10 -3.10 -7.74
C ASP A 38 2.87 -3.62 -6.99
N VAL A 39 2.57 -3.06 -5.82
CA VAL A 39 1.42 -3.51 -5.05
C VAL A 39 0.13 -2.93 -5.60
N PHE A 40 0.14 -1.66 -5.97
CA PHE A 40 -1.05 -1.01 -6.50
C PHE A 40 -1.55 -1.73 -7.75
N GLU A 41 -0.67 -1.93 -8.73
CA GLU A 41 -1.10 -2.47 -10.01
C GLU A 41 -1.60 -3.90 -9.87
N ARG A 42 -0.96 -4.70 -9.00
CA ARG A 42 -1.40 -6.07 -8.80
C ARG A 42 -2.82 -6.13 -8.23
N ILE A 43 -3.11 -5.27 -7.26
CA ILE A 43 -4.45 -5.24 -6.67
C ILE A 43 -5.45 -4.65 -7.67
N ALA A 44 -5.05 -3.59 -8.39
CA ALA A 44 -5.93 -3.00 -9.38
C ALA A 44 -6.21 -3.95 -10.54
N ALA A 45 -5.24 -4.80 -10.89
CA ALA A 45 -5.45 -5.76 -11.96
C ALA A 45 -6.41 -6.86 -11.52
N GLU A 46 -6.29 -7.32 -10.27
CA GLU A 46 -7.20 -8.35 -9.77
C GLU A 46 -8.60 -7.82 -9.59
N ALA A 47 -8.74 -6.60 -9.06
CA ALA A 47 -10.06 -6.02 -8.85
C ALA A 47 -10.79 -5.81 -10.16
N SER A 48 -10.05 -5.44 -11.22
CA SER A 48 -10.66 -5.27 -12.53
C SER A 48 -11.14 -6.61 -13.08
N ARG A 49 -10.28 -7.63 -13.02
CA ARG A 49 -10.68 -8.97 -13.46
C ARG A 49 -11.85 -9.49 -12.65
N LEU A 50 -11.85 -9.24 -11.33
CA LEU A 50 -12.95 -9.69 -10.48
C LEU A 50 -14.26 -9.03 -10.89
N ALA A 51 -14.22 -7.75 -11.23
CA ALA A 51 -15.45 -7.06 -11.66
C ALA A 51 -15.93 -7.59 -13.00
N HIS A 52 -15.02 -7.79 -13.95
CA HIS A 52 -15.38 -8.42 -15.21
C HIS A 52 -15.76 -9.89 -15.01
N TYR A 53 -15.18 -10.53 -13.99
CA TYR A 53 -15.51 -11.92 -13.70
C TYR A 53 -16.95 -12.05 -13.20
N ASN A 54 -17.38 -11.14 -12.33
CA ASN A 54 -18.70 -11.19 -11.73
C ASN A 54 -19.73 -10.38 -12.50
N LYS A 55 -19.50 -10.12 -13.79
CA LYS A 55 -20.44 -9.40 -14.65
C LYS A 55 -20.78 -8.03 -14.09
N ARG A 56 -19.76 -7.35 -13.56
CA ARG A 56 -19.90 -5.99 -13.07
C ARG A 56 -18.92 -5.09 -13.82
N SER A 57 -18.98 -3.81 -13.45
CA SER A 57 -18.38 -2.77 -14.28
C SER A 57 -18.10 -1.50 -13.48
N THR A 58 -18.35 -1.50 -12.19
CA THR A 58 -17.86 -0.46 -11.28
C THR A 58 -17.06 -1.18 -10.21
N ILE A 59 -15.78 -0.86 -10.12
CA ILE A 59 -14.93 -1.46 -9.11
C ILE A 59 -15.17 -0.75 -7.79
N SER A 60 -15.53 -1.52 -6.77
CA SER A 60 -15.92 -0.99 -5.46
C SER A 60 -14.94 -1.46 -4.40
N SER A 61 -15.18 -1.03 -3.16
CA SER A 61 -14.37 -1.49 -2.05
C SER A 61 -14.51 -2.97 -1.80
N ARG A 62 -15.57 -3.60 -2.32
CA ARG A 62 -15.72 -5.04 -2.19
C ARG A 62 -14.72 -5.78 -3.07
N GLU A 63 -14.54 -5.31 -4.31
CA GLU A 63 -13.55 -5.93 -5.19
C GLU A 63 -12.13 -5.62 -4.73
N ILE A 64 -11.92 -4.48 -4.07
CA ILE A 64 -10.59 -4.13 -3.59
C ILE A 64 -10.18 -5.05 -2.44
N GLN A 65 -11.12 -5.38 -1.55
CA GLN A 65 -10.80 -6.25 -0.43
C GLN A 65 -10.47 -7.66 -0.90
N THR A 66 -11.37 -8.27 -1.69
CA THR A 66 -11.13 -9.62 -2.19
C THR A 66 -9.84 -9.68 -3.01
N ALA A 67 -9.51 -8.59 -3.71
CA ALA A 67 -8.21 -8.51 -4.37
C ALA A 67 -7.09 -8.53 -3.34
N VAL A 68 -7.23 -7.73 -2.28
CA VAL A 68 -6.20 -7.69 -1.23
C VAL A 68 -6.09 -9.05 -0.54
N ARG A 69 -7.22 -9.68 -0.24
CA ARG A 69 -7.20 -11.00 0.38
C ARG A 69 -6.53 -12.03 -0.52
N LEU A 70 -6.67 -11.87 -1.84
CA LEU A 70 -6.09 -12.80 -2.79
C LEU A 70 -4.63 -12.52 -3.11
N ILE A 71 -4.00 -11.56 -2.42
CA ILE A 71 -2.63 -11.17 -2.75
C ILE A 71 -1.76 -11.17 -1.49
N LEU A 72 -2.20 -10.46 -0.48
CA LEU A 72 -1.42 -10.35 0.75
C LEU A 72 -1.53 -11.64 1.56
N PRO A 73 -0.42 -12.26 1.94
CA PRO A 73 -0.48 -13.55 2.62
C PRO A 73 -0.75 -13.41 4.12
N GLY A 74 -1.40 -14.44 4.66
CA GLY A 74 -1.54 -14.58 6.10
C GLY A 74 -2.15 -13.38 6.78
N GLU A 75 -1.53 -12.98 7.89
CA GLU A 75 -2.06 -11.91 8.73
C GLU A 75 -1.87 -10.53 8.12
N LEU A 76 -1.13 -10.41 7.02
CA LEU A 76 -1.09 -9.14 6.30
C LEU A 76 -2.45 -8.81 5.70
N ALA A 77 -3.12 -9.82 5.14
CA ALA A 77 -4.47 -9.61 4.63
C ALA A 77 -5.46 -9.38 5.77
N LYS A 78 -5.18 -9.91 6.96
CA LYS A 78 -6.07 -9.72 8.09
C LYS A 78 -6.09 -8.26 8.52
N HIS A 79 -4.92 -7.64 8.63
CA HIS A 79 -4.87 -6.25 9.05
C HIS A 79 -5.30 -5.31 7.92
N ALA A 80 -4.82 -5.57 6.69
CA ALA A 80 -5.16 -4.69 5.58
C ALA A 80 -6.67 -4.67 5.34
N VAL A 81 -7.35 -5.79 5.55
CA VAL A 81 -8.79 -5.81 5.43
C VAL A 81 -9.43 -5.03 6.57
N SER A 82 -8.86 -5.13 7.78
CA SER A 82 -9.36 -4.34 8.89
C SER A 82 -9.16 -2.85 8.65
N GLU A 83 -8.06 -2.48 7.99
CA GLU A 83 -7.80 -1.08 7.72
C GLU A 83 -8.72 -0.54 6.63
N GLY A 84 -8.87 -1.28 5.53
CA GLY A 84 -9.71 -0.83 4.45
C GLY A 84 -11.18 -0.72 4.85
N THR A 85 -11.69 -1.74 5.55
CA THR A 85 -13.08 -1.70 5.99
C THR A 85 -13.32 -0.57 6.99
N LYS A 86 -12.38 -0.36 7.92
CA LYS A 86 -12.53 0.73 8.88
C LYS A 86 -12.51 2.08 8.19
N ALA A 87 -11.65 2.23 7.17
CA ALA A 87 -11.53 3.52 6.49
C ALA A 87 -12.76 3.82 5.66
N VAL A 88 -13.27 2.83 4.92
CA VAL A 88 -14.38 3.07 4.01
C VAL A 88 -15.62 3.50 4.77
N THR A 89 -15.92 2.85 5.90
CA THR A 89 -17.10 3.22 6.67
C THR A 89 -16.97 4.62 7.27
N LYS A 90 -15.76 5.02 7.65
CA LYS A 90 -15.52 6.33 8.25
C LYS A 90 -15.71 7.47 7.26
N TYR A 91 -15.34 7.24 5.99
CA TYR A 91 -15.38 8.28 4.97
C TYR A 91 -16.39 7.94 3.88
N THR A 92 -17.44 7.20 4.24
CA THR A 92 -18.51 6.82 3.33
C THR A 92 -18.04 6.08 2.07
N GLY A 110 -5.76 10.87 10.14
CA GLY A 110 -6.49 10.36 9.00
C GLY A 110 -5.63 9.57 8.03
N LEU A 111 -6.07 9.47 6.78
CA LEU A 111 -5.33 8.75 5.77
C LEU A 111 -4.22 9.62 5.20
N GLN A 112 -3.04 9.01 5.01
CA GLN A 112 -1.87 9.72 4.50
C GLN A 112 -1.71 9.61 3.00
N PHE A 113 -2.52 8.78 2.33
CA PHE A 113 -2.41 8.62 0.88
C PHE A 113 -3.49 9.42 0.17
N PRO A 114 -3.23 9.89 -1.05
CA PRO A 114 -4.20 10.74 -1.74
C PRO A 114 -5.35 9.97 -2.35
N VAL A 115 -6.48 9.91 -1.63
CA VAL A 115 -7.64 9.17 -2.15
C VAL A 115 -8.07 9.72 -3.49
N GLY A 116 -8.01 11.04 -3.67
CA GLY A 116 -8.38 11.63 -4.95
C GLY A 116 -7.48 11.21 -6.09
N ARG A 117 -6.18 11.10 -5.81
CA ARG A 117 -5.24 10.70 -6.86
C ARG A 117 -5.36 9.21 -7.16
N LEU A 118 -5.47 8.38 -6.12
CA LEU A 118 -5.59 6.94 -6.34
C LEU A 118 -6.87 6.59 -7.10
N HIS A 119 -7.94 7.36 -6.90
CA HIS A 119 -9.15 7.16 -7.69
C HIS A 119 -8.88 7.46 -9.15
N ARG A 120 -8.20 8.56 -9.44
CA ARG A 120 -7.84 8.89 -10.82
C ARG A 120 -7.03 7.78 -11.46
N ILE A 121 -6.06 7.23 -10.73
CA ILE A 121 -5.22 6.17 -11.27
C ILE A 121 -6.03 4.92 -11.54
N LEU A 122 -6.99 4.61 -10.67
CA LEU A 122 -7.81 3.41 -10.85
C LEU A 122 -8.65 3.52 -12.12
N ARG A 123 -9.14 4.72 -12.43
CA ARG A 123 -10.01 4.88 -13.60
C ARG A 123 -9.26 4.63 -14.90
N LYS A 124 -8.00 5.05 -14.98
CA LYS A 124 -7.23 4.88 -16.21
C LYS A 124 -6.87 3.42 -16.48
N GLY A 125 -6.91 2.56 -15.46
CA GLY A 125 -6.63 1.15 -15.69
C GLY A 125 -7.44 0.56 -16.83
N ASN A 126 -8.75 0.88 -16.85
CA ASN A 126 -9.60 0.61 -18.01
C ASN A 126 -10.82 1.51 -17.88
N TYR A 127 -10.98 2.44 -18.82
CA TYR A 127 -12.08 3.41 -18.79
C TYR A 127 -13.44 2.75 -19.02
N ALA A 128 -13.46 1.50 -19.51
CA ALA A 128 -14.72 0.79 -19.65
C ALA A 128 -15.28 0.37 -18.31
N GLN A 129 -14.43 0.24 -17.30
CA GLN A 129 -14.84 -0.10 -15.94
C GLN A 129 -14.91 1.18 -15.11
N ARG A 130 -16.09 1.50 -14.61
CA ARG A 130 -16.24 2.61 -13.69
C ARG A 130 -15.56 2.29 -12.37
N VAL A 131 -15.26 3.34 -11.61
CA VAL A 131 -14.61 3.20 -10.31
C VAL A 131 -15.45 3.90 -9.26
N GLY A 132 -15.76 3.20 -8.17
CA GLY A 132 -16.53 3.79 -7.10
C GLY A 132 -15.69 4.61 -6.15
N ALA A 133 -16.36 5.41 -5.33
CA ALA A 133 -15.66 6.29 -4.40
C ALA A 133 -15.01 5.52 -3.27
N GLY A 134 -15.60 4.39 -2.87
CA GLY A 134 -15.06 3.61 -1.77
C GLY A 134 -13.85 2.76 -2.12
N ALA A 135 -13.56 2.59 -3.41
CA ALA A 135 -12.41 1.77 -3.79
C ALA A 135 -11.08 2.41 -3.42
N PRO A 136 -10.80 3.68 -3.78
CA PRO A 136 -9.52 4.26 -3.37
C PRO A 136 -9.40 4.51 -1.88
N VAL A 137 -10.51 4.69 -1.17
CA VAL A 137 -10.46 4.79 0.28
C VAL A 137 -9.93 3.49 0.87
N TYR A 138 -10.44 2.36 0.39
CA TYR A 138 -9.92 1.07 0.81
C TYR A 138 -8.46 0.90 0.41
N LEU A 139 -8.12 1.29 -0.83
CA LEU A 139 -6.77 1.10 -1.32
C LEU A 139 -5.78 2.04 -0.65
N ALA A 140 -6.21 3.25 -0.30
CA ALA A 140 -5.32 4.18 0.40
C ALA A 140 -4.94 3.64 1.77
N ALA A 141 -5.90 3.02 2.47
CA ALA A 141 -5.60 2.44 3.78
C ALA A 141 -4.67 1.25 3.66
N VAL A 142 -4.92 0.37 2.68
CA VAL A 142 -4.06 -0.80 2.49
C VAL A 142 -2.65 -0.38 2.12
N LEU A 143 -2.52 0.58 1.20
CA LEU A 143 -1.19 1.06 0.82
C LEU A 143 -0.50 1.73 1.99
N GLU A 144 -1.24 2.52 2.78
CA GLU A 144 -0.65 3.18 3.94
C GLU A 144 -0.24 2.16 4.99
N TYR A 145 -1.01 1.08 5.14
CA TYR A 145 -0.64 0.04 6.08
C TYR A 145 0.62 -0.70 5.63
N LEU A 146 0.66 -1.10 4.36
CA LEU A 146 1.83 -1.82 3.86
C LEU A 146 3.07 -0.95 3.89
N ALA A 147 2.92 0.36 3.73
CA ALA A 147 4.07 1.26 3.88
C ALA A 147 4.52 1.35 5.33
N ALA A 148 3.56 1.52 6.26
CA ALA A 148 3.91 1.69 7.66
C ALA A 148 4.58 0.43 8.23
N GLU A 149 4.15 -0.74 7.77
CA GLU A 149 4.73 -1.98 8.27
C GLU A 149 6.18 -2.16 7.84
N VAL A 150 6.52 -1.74 6.62
CA VAL A 150 7.89 -1.90 6.13
C VAL A 150 8.82 -0.89 6.77
N LEU A 151 8.37 0.37 6.89
CA LEU A 151 9.19 1.40 7.52
C LEU A 151 9.35 1.19 9.02
N GLU A 152 8.42 0.47 9.66
CA GLU A 152 8.60 0.15 11.08
C GLU A 152 9.72 -0.86 11.28
N LEU A 153 9.72 -1.93 10.47
CA LEU A 153 10.76 -2.94 10.60
C LEU A 153 12.10 -2.41 10.08
N ALA A 154 12.09 -1.66 8.98
CA ALA A 154 13.32 -1.05 8.49
C ALA A 154 13.82 0.02 9.44
N GLY A 155 12.90 0.78 10.04
CA GLY A 155 13.30 1.75 11.05
C GLY A 155 13.82 1.11 12.31
N ASN A 156 13.30 -0.06 12.66
CA ASN A 156 13.84 -0.80 13.81
C ASN A 156 15.28 -1.22 13.55
N ALA A 157 15.56 -1.74 12.35
CA ALA A 157 16.91 -2.19 12.02
C ALA A 157 17.91 -1.04 11.99
N ALA A 158 17.43 0.20 11.81
CA ALA A 158 18.33 1.34 11.79
C ALA A 158 18.64 1.85 13.20
N ARG A 159 17.64 1.86 14.08
CA ARG A 159 17.85 2.30 15.45
C ARG A 159 18.66 1.30 16.25
N ASP A 160 18.53 0.01 15.91
CA ASP A 160 19.40 -1.01 16.47
C ASP A 160 20.86 -0.77 16.13
N ASN A 161 21.13 -0.10 15.01
CA ASN A 161 22.46 0.30 14.62
C ASN A 161 22.75 1.75 14.96
N LYS A 162 21.91 2.38 15.77
CA LYS A 162 22.05 3.76 16.24
C LYS A 162 22.02 4.78 15.10
N LYS A 163 21.69 4.36 13.89
CA LYS A 163 21.68 5.28 12.75
C LYS A 163 20.37 6.07 12.73
N THR A 164 20.42 7.23 12.07
CA THR A 164 19.33 8.18 12.11
C THR A 164 18.46 8.17 10.86
N ARG A 165 18.80 7.37 9.85
CA ARG A 165 17.98 7.31 8.64
C ARG A 165 18.08 5.91 8.04
N ILE A 166 17.04 5.56 7.28
CA ILE A 166 16.90 4.22 6.71
C ILE A 166 17.62 4.14 5.38
N ALA A 167 18.32 3.04 5.16
CA ALA A 167 18.98 2.72 3.90
C ALA A 167 18.33 1.50 3.27
N PRO A 168 18.54 1.26 1.97
CA PRO A 168 18.03 0.03 1.36
C PRO A 168 18.51 -1.23 2.06
N ARG A 169 19.62 -1.18 2.78
CA ARG A 169 20.07 -2.31 3.58
C ARG A 169 19.01 -2.68 4.62
N HIS A 170 18.53 -1.70 5.37
CA HIS A 170 17.48 -1.94 6.34
C HIS A 170 16.15 -2.27 5.67
N LEU A 171 15.96 -1.87 4.41
CA LEU A 171 14.75 -2.23 3.68
C LEU A 171 14.71 -3.73 3.39
N GLN A 172 15.72 -4.22 2.66
CA GLN A 172 15.78 -5.64 2.36
C GLN A 172 15.94 -6.50 3.61
N LEU A 173 16.47 -5.93 4.69
CA LEU A 173 16.53 -6.65 5.95
C LEU A 173 15.15 -6.79 6.57
N ALA A 174 14.32 -5.75 6.45
CA ALA A 174 12.95 -5.81 6.94
C ALA A 174 12.14 -6.85 6.18
N VAL A 175 12.29 -6.89 4.86
CA VAL A 175 11.55 -7.84 4.04
C VAL A 175 12.09 -9.26 4.25
N ARG A 176 13.38 -9.39 4.58
CA ARG A 176 14.00 -10.72 4.65
C ARG A 176 13.46 -11.52 5.82
N ASN A 177 13.56 -10.98 7.04
CA ASN A 177 13.15 -11.71 8.23
C ASN A 177 11.64 -11.75 8.41
N ASP A 178 10.87 -11.09 7.55
CA ASP A 178 9.42 -11.18 7.54
C ASP A 178 9.02 -12.09 6.39
N GLU A 179 8.55 -13.29 6.71
CA GLU A 179 8.22 -14.27 5.68
C GLU A 179 7.04 -13.80 4.83
N GLU A 180 6.00 -13.24 5.47
CA GLU A 180 4.86 -12.74 4.72
C GLU A 180 5.27 -11.61 3.77
N LEU A 181 6.15 -10.73 4.23
CA LEU A 181 6.66 -9.67 3.37
C LEU A 181 7.53 -10.25 2.25
N ASN A 182 8.33 -11.26 2.56
CA ASN A 182 9.16 -11.89 1.54
C ASN A 182 8.33 -12.66 0.52
N LYS A 183 7.22 -13.26 0.96
CA LYS A 183 6.34 -13.95 0.01
C LYS A 183 5.62 -12.95 -0.89
N LEU A 184 5.42 -11.72 -0.41
CA LEU A 184 4.81 -10.67 -1.22
C LEU A 184 5.77 -10.10 -2.26
N LEU A 185 7.06 -10.36 -2.12
CA LEU A 185 8.09 -9.84 -3.02
C LEU A 185 8.06 -8.31 -3.05
#